data_6ZSJ
#
_entry.id   6ZSJ
#
_cell.length_a   117.340
_cell.length_b   35.660
_cell.length_c   168.560
_cell.angle_alpha   90.000
_cell.angle_beta   94.500
_cell.angle_gamma   90.000
#
_symmetry.space_group_name_H-M   'C 1 2 1'
#
loop_
_entity.id
_entity.type
_entity.pdbx_description
1 polymer 'Ras-related protein Rab-8A'
2 polymer 'EH domain-binding protein 1'
3 non-polymer 'PHOSPHOAMINOPHOSPHONIC ACID-GUANYLATE ESTER'
4 non-polymer 'MAGNESIUM ION'
5 water water
#
loop_
_entity_poly.entity_id
_entity_poly.type
_entity_poly.pdbx_seq_one_letter_code
_entity_poly.pdbx_strand_id
1 'polypeptide(L)'
;GHMAKTYDYLFKLLLIGDSGVGKTCVLFRFSEDAFNSTFISTIGIDFKIRTIELDGKRIKLQIWDTAGQERFRTITTAYY
RGAMGIMLVYDITNEKSFDNIRNWIRNIEEHASADVEKMILGNKCDVNDKRQVSKERGEKLALDYGIKFMETSAKANINV
ENAFFTLARDIKAKMDKK
;
A,B
2 'polypeptide(L)'
;GHMDEVLNKGFKDTSQYVVGELAALENEQKQIDTRAALVEKRLRYLMDTGRNTEEEEAMMQEWAMLVNKKNALIRRMNQL
SLLEKEHDLERRYELLNRELRAMLAIEDWQKTEAQKRREQLLLDELVALVNKRDALVRDLDAQEKQAEEEDEHLER
;
C,D
#
loop_
_chem_comp.id
_chem_comp.type
_chem_comp.name
_chem_comp.formula
GNP non-polymer 'PHOSPHOAMINOPHOSPHONIC ACID-GUANYLATE ESTER' 'C10 H17 N6 O13 P3'
MG non-polymer 'MAGNESIUM ION' 'Mg 2'
#
# COMPACT_ATOMS: atom_id res chain seq x y z
N THR A 6 -2.65 24.67 2.04
CA THR A 6 -2.98 23.89 3.22
C THR A 6 -3.00 22.39 2.92
N TYR A 7 -2.63 22.00 1.70
CA TYR A 7 -2.43 20.61 1.32
C TYR A 7 -1.44 20.60 0.16
N ASP A 8 -0.98 19.40 -0.21
CA ASP A 8 -0.10 19.22 -1.37
C ASP A 8 -0.86 18.86 -2.64
N TYR A 9 -1.66 17.78 -2.61
CA TYR A 9 -2.34 17.31 -3.82
C TYR A 9 -3.74 16.82 -3.51
N LEU A 10 -4.59 16.89 -4.53
CA LEU A 10 -5.99 16.49 -4.50
C LEU A 10 -6.17 15.29 -5.42
N PHE A 11 -6.74 14.20 -4.89
CA PHE A 11 -6.97 12.99 -5.66
C PHE A 11 -8.48 12.74 -5.73
N LYS A 12 -9.00 12.43 -6.92
CA LYS A 12 -10.42 12.18 -7.12
C LYS A 12 -10.68 10.67 -7.07
N LEU A 13 -11.53 10.26 -6.13
CA LEU A 13 -11.83 8.85 -5.94
C LEU A 13 -13.32 8.59 -6.17
N LEU A 14 -13.65 7.37 -6.56
CA LEU A 14 -15.04 7.04 -6.91
C LEU A 14 -15.40 5.68 -6.33
N LEU A 15 -16.61 5.55 -5.76
CA LEU A 15 -17.12 4.29 -5.22
C LEU A 15 -18.32 3.83 -6.04
N ILE A 16 -18.21 2.63 -6.66
CA ILE A 16 -19.31 2.12 -7.48
C ILE A 16 -19.66 0.70 -7.03
N GLY A 17 -20.86 0.27 -7.39
CA GLY A 17 -21.41 -1.00 -6.97
C GLY A 17 -22.91 -0.91 -6.80
N ASP A 18 -23.54 -2.10 -6.61
CA ASP A 18 -24.98 -2.26 -6.40
C ASP A 18 -25.45 -1.52 -5.13
N SER A 19 -26.74 -1.18 -5.10
CA SER A 19 -27.35 -0.61 -3.90
C SER A 19 -27.29 -1.59 -2.73
N GLY A 20 -26.82 -1.10 -1.58
CA GLY A 20 -26.79 -1.89 -0.36
C GLY A 20 -25.49 -2.65 -0.10
N VAL A 21 -24.48 -2.54 -0.98
CA VAL A 21 -23.22 -3.23 -0.74
C VAL A 21 -22.40 -2.58 0.37
N GLY A 22 -22.63 -1.30 0.69
CA GLY A 22 -21.93 -0.63 1.77
C GLY A 22 -21.00 0.51 1.36
N LYS A 23 -21.28 1.15 0.22
CA LYS A 23 -20.41 2.18 -0.34
C LYS A 23 -20.36 3.44 0.55
N THR A 24 -21.53 3.93 0.97
CA THR A 24 -21.62 5.11 1.81
C THR A 24 -21.05 4.83 3.20
N CYS A 25 -21.26 3.60 3.71
CA CYS A 25 -20.80 3.22 5.04
C CYS A 25 -19.29 3.11 5.11
N VAL A 26 -18.68 2.62 4.02
CA VAL A 26 -17.23 2.57 3.89
C VAL A 26 -16.65 3.99 3.87
N LEU A 27 -17.34 4.92 3.21
CA LEU A 27 -16.87 6.31 3.17
C LEU A 27 -17.13 7.02 4.51
N PHE A 28 -18.23 6.70 5.16
CA PHE A 28 -18.55 7.26 6.47
C PHE A 28 -17.59 6.78 7.55
N ARG A 29 -17.07 5.54 7.40
CA ARG A 29 -16.04 5.04 8.30
C ARG A 29 -14.73 5.75 8.08
N PHE A 30 -14.42 6.06 6.82
CA PHE A 30 -13.13 6.65 6.54
C PHE A 30 -13.10 8.14 6.89
N SER A 31 -14.17 8.86 6.60
CA SER A 31 -14.18 10.30 6.73
C SER A 31 -14.71 10.78 8.08
N GLU A 32 -15.43 9.94 8.83
CA GLU A 32 -15.95 10.41 10.11
C GLU A 32 -15.86 9.39 11.24
N ASP A 33 -15.15 8.26 11.04
CA ASP A 33 -14.85 7.19 12.03
C ASP A 33 -16.08 6.65 12.78
N ALA A 34 -17.22 6.56 12.08
CA ALA A 34 -18.41 6.00 12.70
C ALA A 34 -19.11 5.09 11.70
N PHE A 35 -20.14 4.39 12.18
CA PHE A 35 -20.90 3.47 11.35
C PHE A 35 -22.39 3.66 11.62
N ASN A 36 -23.16 3.77 10.54
CA ASN A 36 -24.61 3.82 10.61
C ASN A 36 -25.16 2.44 10.28
N SER A 37 -26.05 1.94 11.14
CA SER A 37 -26.74 0.71 10.83
C SER A 37 -27.90 0.93 9.87
N THR A 38 -28.42 2.14 9.81
CA THR A 38 -29.62 2.44 9.03
C THR A 38 -29.28 2.52 7.57
N PHE A 39 -29.99 1.75 6.75
CA PHE A 39 -29.95 1.89 5.30
C PHE A 39 -30.54 3.24 4.91
N ILE A 40 -29.68 4.18 4.60
CA ILE A 40 -30.10 5.43 3.97
C ILE A 40 -29.47 5.40 2.58
N SER A 41 -30.29 5.08 1.59
CA SER A 41 -29.87 5.02 0.20
C SER A 41 -29.45 6.39 -0.34
N THR A 42 -28.35 6.42 -1.09
CA THR A 42 -27.85 7.66 -1.67
C THR A 42 -28.75 8.08 -2.84
N ILE A 43 -29.00 9.38 -2.98
CA ILE A 43 -29.82 9.94 -4.05
C ILE A 43 -28.88 10.63 -5.04
N GLY A 44 -28.72 10.05 -6.22
CA GLY A 44 -27.89 10.62 -7.26
C GLY A 44 -26.41 10.39 -7.07
N ILE A 45 -25.77 11.32 -6.37
CA ILE A 45 -24.31 11.43 -6.32
C ILE A 45 -23.95 12.34 -5.13
N ASP A 46 -22.89 11.99 -4.42
CA ASP A 46 -22.39 12.85 -3.34
C ASP A 46 -20.87 12.73 -3.33
N PHE A 47 -20.21 13.65 -2.63
CA PHE A 47 -18.80 13.42 -2.33
C PHE A 47 -18.50 13.84 -0.89
N LYS A 48 -17.43 13.27 -0.35
CA LYS A 48 -16.89 13.66 0.95
C LYS A 48 -15.41 13.97 0.81
N ILE A 49 -14.94 14.89 1.66
CA ILE A 49 -13.53 15.29 1.74
C ILE A 49 -12.96 14.74 3.04
N ARG A 50 -11.83 14.05 2.95
CA ARG A 50 -10.98 13.89 4.12
C ARG A 50 -9.54 14.12 3.70
N THR A 51 -8.87 15.02 4.43
CA THR A 51 -7.45 15.29 4.26
C THR A 51 -6.66 14.40 5.20
N ILE A 52 -5.73 13.62 4.65
CA ILE A 52 -4.96 12.66 5.43
C ILE A 52 -3.52 13.13 5.54
N GLU A 53 -2.78 12.48 6.45
CA GLU A 53 -1.33 12.61 6.55
C GLU A 53 -0.75 11.24 6.18
N LEU A 54 -0.28 11.13 4.94
CA LEU A 54 0.37 9.91 4.43
C LEU A 54 1.80 10.24 4.03
N ASP A 55 2.76 9.60 4.72
CA ASP A 55 4.19 9.56 4.36
C ASP A 55 4.83 10.94 4.42
N GLY A 56 4.38 11.76 5.36
CA GLY A 56 4.88 13.10 5.56
C GLY A 56 4.21 14.16 4.71
N LYS A 57 3.17 13.80 3.97
CA LYS A 57 2.57 14.65 2.96
C LYS A 57 1.07 14.76 3.23
N ARG A 58 0.53 15.97 3.05
CA ARG A 58 -0.90 16.21 3.23
C ARG A 58 -1.64 15.96 1.91
N ILE A 59 -2.59 15.02 1.94
CA ILE A 59 -3.36 14.63 0.77
C ILE A 59 -4.84 14.76 1.11
N LYS A 60 -5.51 15.70 0.45
CA LYS A 60 -6.96 15.73 0.48
C LYS A 60 -7.51 14.73 -0.53
N LEU A 61 -8.49 13.94 -0.09
CA LEU A 61 -9.14 12.97 -0.95
C LEU A 61 -10.56 13.46 -1.20
N GLN A 62 -10.92 13.61 -2.48
CA GLN A 62 -12.29 13.90 -2.87
C GLN A 62 -12.90 12.59 -3.36
N ILE A 63 -13.73 11.99 -2.54
CA ILE A 63 -14.20 10.63 -2.77
C ILE A 63 -15.67 10.71 -3.12
N TRP A 64 -16.00 10.38 -4.37
CA TRP A 64 -17.38 10.46 -4.84
C TRP A 64 -18.13 9.17 -4.55
N ASP A 65 -19.36 9.31 -4.11
CA ASP A 65 -20.16 8.18 -3.65
C ASP A 65 -21.38 8.09 -4.56
N THR A 66 -21.48 7.01 -5.31
CA THR A 66 -22.51 6.91 -6.32
C THR A 66 -23.74 6.22 -5.77
N ALA A 67 -24.90 6.56 -6.32
CA ALA A 67 -26.11 5.84 -5.97
C ALA A 67 -26.21 4.58 -6.81
N GLY A 68 -26.30 3.42 -6.15
CA GLY A 68 -26.29 2.12 -6.81
C GLY A 68 -27.60 1.70 -7.44
N GLN A 69 -28.68 2.43 -7.18
CA GLN A 69 -29.96 2.08 -7.78
C GLN A 69 -29.98 2.43 -9.25
N GLU A 70 -30.78 1.68 -10.00
CA GLU A 70 -30.79 1.71 -11.46
C GLU A 70 -31.28 3.04 -12.00
N ARG A 71 -32.21 3.69 -11.29
CA ARG A 71 -32.77 4.99 -11.65
C ARG A 71 -31.79 6.15 -11.51
N PHE A 72 -30.61 5.97 -10.91
CA PHE A 72 -29.62 7.03 -10.83
C PHE A 72 -28.38 6.72 -11.66
N ARG A 73 -28.40 5.69 -12.49
CA ARG A 73 -27.17 5.20 -13.11
C ARG A 73 -26.71 6.08 -14.27
N THR A 74 -27.62 6.84 -14.87
CA THR A 74 -27.17 7.80 -15.87
C THR A 74 -26.58 9.06 -15.26
N ILE A 75 -26.91 9.37 -14.00
CA ILE A 75 -26.24 10.47 -13.31
C ILE A 75 -24.81 10.07 -12.94
N THR A 76 -24.65 8.84 -12.42
CA THR A 76 -23.36 8.38 -11.91
C THR A 76 -22.35 8.08 -13.01
N THR A 77 -22.82 7.81 -14.24
CA THR A 77 -21.92 7.60 -15.37
C THR A 77 -21.20 8.87 -15.80
N ALA A 78 -21.74 10.05 -15.49
CA ALA A 78 -21.08 11.31 -15.81
C ALA A 78 -19.86 11.61 -14.93
N TYR A 79 -19.62 10.85 -13.88
CA TYR A 79 -18.56 11.13 -12.93
C TYR A 79 -17.40 10.17 -13.07
N TYR A 80 -17.41 9.29 -14.09
CA TYR A 80 -16.30 8.35 -14.25
C TYR A 80 -15.05 9.03 -14.81
N ARG A 81 -15.21 9.97 -15.74
CA ARG A 81 -14.04 10.60 -16.37
C ARG A 81 -13.36 11.55 -15.38
N GLY A 82 -12.04 11.46 -15.32
CA GLY A 82 -11.31 12.20 -14.33
C GLY A 82 -11.30 11.62 -12.93
N ALA A 83 -11.90 10.44 -12.70
CA ALA A 83 -11.59 9.71 -11.49
C ALA A 83 -10.17 9.18 -11.60
N MET A 84 -9.37 9.41 -10.57
CA MET A 84 -8.01 8.85 -10.52
C MET A 84 -7.96 7.48 -9.85
N GLY A 85 -8.95 7.14 -9.03
CA GLY A 85 -9.03 5.82 -8.43
C GLY A 85 -10.47 5.40 -8.25
N ILE A 86 -10.81 4.13 -8.49
CA ILE A 86 -12.19 3.65 -8.35
C ILE A 86 -12.21 2.44 -7.42
N MET A 87 -13.11 2.45 -6.41
CA MET A 87 -13.47 1.23 -5.69
C MET A 87 -14.70 0.59 -6.31
N LEU A 88 -14.59 -0.69 -6.63
CA LEU A 88 -15.71 -1.54 -6.98
C LEU A 88 -16.08 -2.35 -5.75
N VAL A 89 -17.25 -2.06 -5.19
CA VAL A 89 -17.67 -2.66 -3.94
C VAL A 89 -18.74 -3.73 -4.21
N TYR A 90 -18.54 -4.91 -3.66
CA TYR A 90 -19.64 -5.85 -3.51
C TYR A 90 -19.84 -6.18 -2.04
N ASP A 91 -20.86 -7.00 -1.80
CA ASP A 91 -21.26 -7.50 -0.49
C ASP A 91 -20.90 -8.98 -0.47
N ILE A 92 -20.07 -9.39 0.49
CA ILE A 92 -19.69 -10.80 0.59
C ILE A 92 -20.87 -11.69 1.06
N THR A 93 -21.97 -11.11 1.59
CA THR A 93 -23.18 -11.84 1.91
C THR A 93 -24.20 -11.89 0.79
N ASN A 94 -23.86 -11.42 -0.40
CA ASN A 94 -24.81 -11.26 -1.48
C ASN A 94 -24.05 -11.71 -2.71
N GLU A 95 -24.36 -12.94 -3.15
CA GLU A 95 -23.76 -13.54 -4.34
C GLU A 95 -23.90 -12.69 -5.59
N LYS A 96 -25.10 -12.10 -5.81
CA LYS A 96 -25.41 -11.38 -7.04
C LYS A 96 -24.61 -10.07 -7.18
N SER A 97 -24.26 -9.44 -6.06
CA SER A 97 -23.48 -8.21 -6.15
C SER A 97 -22.03 -8.49 -6.50
N PHE A 98 -21.48 -9.64 -6.10
CA PHE A 98 -20.18 -10.10 -6.55
C PHE A 98 -20.20 -10.44 -8.03
N ASP A 99 -21.30 -11.06 -8.50
CA ASP A 99 -21.49 -11.37 -9.93
C ASP A 99 -21.59 -10.10 -10.76
N ASN A 100 -22.15 -9.03 -10.18
CA ASN A 100 -22.33 -7.78 -10.92
C ASN A 100 -21.05 -6.96 -11.04
N ILE A 101 -19.93 -7.38 -10.41
CA ILE A 101 -18.66 -6.63 -10.44
C ILE A 101 -18.10 -6.56 -11.86
N ARG A 102 -18.29 -7.64 -12.64
CA ARG A 102 -17.84 -7.65 -14.04
C ARG A 102 -18.71 -6.75 -14.93
N ASN A 103 -19.97 -6.48 -14.55
CA ASN A 103 -20.75 -5.43 -15.22
C ASN A 103 -20.20 -4.05 -14.89
N TRP A 104 -19.83 -3.83 -13.62
CA TRP A 104 -19.22 -2.57 -13.20
C TRP A 104 -17.80 -2.40 -13.76
N ILE A 105 -17.10 -3.51 -14.04
CA ILE A 105 -15.81 -3.46 -14.74
C ILE A 105 -16.00 -2.94 -16.16
N ARG A 106 -17.03 -3.44 -16.85
CA ARG A 106 -17.37 -2.95 -18.18
C ARG A 106 -17.99 -1.56 -18.15
N ASN A 107 -18.58 -1.14 -17.02
CA ASN A 107 -19.03 0.23 -16.95
C ASN A 107 -17.87 1.19 -16.72
N ILE A 108 -16.80 0.74 -16.01
CA ILE A 108 -15.60 1.56 -15.82
C ILE A 108 -14.88 1.78 -17.14
N GLU A 109 -14.59 0.69 -17.87
CA GLU A 109 -13.68 0.78 -19.01
C GLU A 109 -14.34 1.42 -20.23
N GLU A 110 -15.67 1.45 -20.27
CA GLU A 110 -16.41 2.18 -21.28
C GLU A 110 -16.53 3.68 -21.01
N HIS A 111 -16.24 4.17 -19.80
CA HIS A 111 -16.51 5.57 -19.49
C HIS A 111 -15.35 6.28 -18.77
N ALA A 112 -14.55 5.56 -17.99
CA ALA A 112 -13.50 6.22 -17.22
C ALA A 112 -12.24 6.42 -18.06
N SER A 113 -11.22 6.98 -17.41
CA SER A 113 -9.92 7.20 -18.05
C SER A 113 -9.17 5.87 -18.18
N ALA A 114 -8.11 5.92 -18.98
CA ALA A 114 -7.42 4.70 -19.37
C ALA A 114 -6.50 4.17 -18.29
N ASP A 115 -5.90 5.08 -17.50
CA ASP A 115 -4.90 4.73 -16.50
C ASP A 115 -5.46 4.72 -15.07
N VAL A 116 -6.78 4.61 -14.90
CA VAL A 116 -7.39 4.70 -13.57
C VAL A 116 -7.09 3.42 -12.78
N GLU A 117 -6.69 3.60 -11.52
CA GLU A 117 -6.29 2.48 -10.67
C GLU A 117 -7.50 1.96 -9.91
N LYS A 118 -7.87 0.73 -10.19
CA LYS A 118 -9.05 0.11 -9.63
C LYS A 118 -8.67 -0.76 -8.44
N MET A 119 -9.67 -1.03 -7.60
CA MET A 119 -9.51 -1.85 -6.40
C MET A 119 -10.87 -2.43 -6.03
N ILE A 120 -10.91 -3.73 -5.81
CA ILE A 120 -12.14 -4.42 -5.43
C ILE A 120 -12.21 -4.49 -3.92
N LEU A 121 -13.37 -4.07 -3.35
CA LEU A 121 -13.64 -4.21 -1.93
C LEU A 121 -14.78 -5.21 -1.72
N GLY A 122 -14.48 -6.30 -1.02
CA GLY A 122 -15.50 -7.21 -0.56
C GLY A 122 -16.00 -6.75 0.78
N ASN A 123 -17.08 -5.98 0.81
CA ASN A 123 -17.50 -5.40 2.07
C ASN A 123 -18.34 -6.41 2.87
N LYS A 124 -18.50 -6.09 4.17
CA LYS A 124 -19.29 -6.78 5.21
C LYS A 124 -18.61 -8.07 5.63
N CYS A 125 -17.27 -8.02 5.79
CA CYS A 125 -16.47 -9.19 6.17
C CYS A 125 -16.54 -9.51 7.66
N ASP A 126 -17.35 -8.81 8.43
CA ASP A 126 -17.71 -9.17 9.78
C ASP A 126 -18.86 -10.18 9.85
N VAL A 127 -19.64 -10.35 8.77
CA VAL A 127 -20.83 -11.20 8.75
C VAL A 127 -20.46 -12.58 8.23
N ASN A 128 -19.83 -13.40 9.07
CA ASN A 128 -19.36 -14.71 8.64
C ASN A 128 -20.49 -15.72 8.41
N ASP A 129 -21.55 -15.67 9.21
CA ASP A 129 -22.59 -16.70 9.09
C ASP A 129 -23.49 -16.49 7.86
N LYS A 130 -23.44 -15.33 7.21
CA LYS A 130 -24.12 -15.14 5.94
C LYS A 130 -23.15 -15.02 4.76
N ARG A 131 -21.90 -15.47 4.87
CA ARG A 131 -20.95 -15.32 3.75
C ARG A 131 -21.30 -16.24 2.58
N GLN A 132 -21.60 -15.63 1.43
CA GLN A 132 -21.89 -16.33 0.20
C GLN A 132 -20.72 -16.33 -0.79
N VAL A 133 -19.75 -15.43 -0.62
CA VAL A 133 -18.57 -15.31 -1.48
C VAL A 133 -17.34 -15.46 -0.61
N SER A 134 -16.60 -16.54 -0.80
CA SER A 134 -15.39 -16.80 -0.03
C SER A 134 -14.28 -15.80 -0.39
N LYS A 135 -13.38 -15.60 0.59
CA LYS A 135 -12.27 -14.65 0.50
C LYS A 135 -11.29 -15.02 -0.60
N GLU A 136 -11.12 -16.33 -0.85
CA GLU A 136 -10.25 -16.81 -1.91
C GLU A 136 -10.80 -16.44 -3.29
N ARG A 137 -12.14 -16.35 -3.45
CA ARG A 137 -12.69 -16.01 -4.76
C ARG A 137 -12.62 -14.52 -5.05
N GLY A 138 -12.68 -13.68 -4.02
CA GLY A 138 -12.39 -12.28 -4.22
C GLY A 138 -10.91 -12.01 -4.49
N GLU A 139 -10.02 -12.88 -3.99
CA GLU A 139 -8.59 -12.69 -4.22
C GLU A 139 -8.19 -13.07 -5.64
N LYS A 140 -8.81 -14.13 -6.19
CA LYS A 140 -8.46 -14.63 -7.51
C LYS A 140 -9.03 -13.77 -8.64
N LEU A 141 -10.20 -13.18 -8.42
CA LEU A 141 -10.82 -12.31 -9.43
C LEU A 141 -10.04 -11.01 -9.63
N ALA A 142 -9.59 -10.39 -8.54
CA ALA A 142 -8.83 -9.15 -8.64
C ALA A 142 -7.40 -9.39 -9.15
N LEU A 143 -6.79 -10.54 -8.80
CA LEU A 143 -5.51 -10.93 -9.38
C LEU A 143 -5.63 -11.21 -10.88
N ASP A 144 -6.78 -11.73 -11.33
CA ASP A 144 -7.08 -11.90 -12.76
C ASP A 144 -7.18 -10.56 -13.49
N TYR A 145 -7.79 -9.57 -12.84
CA TYR A 145 -7.91 -8.23 -13.41
C TYR A 145 -6.64 -7.40 -13.24
N GLY A 146 -5.64 -7.89 -12.50
CA GLY A 146 -4.42 -7.14 -12.24
C GLY A 146 -4.58 -6.05 -11.20
N ILE A 147 -5.46 -6.28 -10.22
CA ILE A 147 -6.13 -5.25 -9.42
C ILE A 147 -5.98 -5.66 -7.96
N LYS A 148 -5.79 -4.68 -7.06
CA LYS A 148 -5.67 -5.03 -5.65
C LYS A 148 -7.04 -5.38 -5.05
N PHE A 149 -7.02 -6.25 -4.04
CA PHE A 149 -8.20 -6.75 -3.35
C PHE A 149 -8.04 -6.57 -1.86
N MET A 150 -9.13 -6.14 -1.20
CA MET A 150 -9.22 -6.09 0.26
C MET A 150 -10.62 -6.51 0.69
N GLU A 151 -10.72 -7.31 1.75
CA GLU A 151 -12.01 -7.50 2.40
C GLU A 151 -12.14 -6.44 3.48
N THR A 152 -13.22 -5.68 3.40
CA THR A 152 -13.44 -4.61 4.36
C THR A 152 -14.69 -4.88 5.17
N SER A 153 -14.76 -4.14 6.26
CA SER A 153 -15.96 -4.02 7.07
C SER A 153 -16.03 -2.60 7.58
N ALA A 154 -17.05 -1.86 7.15
CA ALA A 154 -17.28 -0.53 7.68
C ALA A 154 -17.76 -0.58 9.12
N LYS A 155 -18.49 -1.65 9.47
CA LYS A 155 -19.00 -1.81 10.83
C LYS A 155 -17.86 -2.14 11.80
N ALA A 156 -17.05 -3.13 11.47
CA ALA A 156 -16.00 -3.55 12.40
C ALA A 156 -14.70 -2.76 12.26
N ASN A 157 -14.64 -1.77 11.34
CA ASN A 157 -13.44 -0.94 11.02
C ASN A 157 -12.24 -1.83 10.68
N ILE A 158 -12.48 -2.71 9.70
CA ILE A 158 -11.49 -3.65 9.21
C ILE A 158 -11.14 -3.14 7.82
N ASN A 159 -9.89 -2.70 7.66
CA ASN A 159 -9.24 -2.43 6.38
C ASN A 159 -9.86 -1.29 5.58
N VAL A 160 -10.63 -0.41 6.22
CA VAL A 160 -11.23 0.71 5.51
C VAL A 160 -10.19 1.79 5.26
N GLU A 161 -9.53 2.23 6.36
CA GLU A 161 -8.45 3.21 6.28
C GLU A 161 -7.27 2.65 5.50
N ASN A 162 -7.04 1.35 5.59
CA ASN A 162 -6.05 0.65 4.77
C ASN A 162 -6.41 0.70 3.29
N ALA A 163 -7.70 0.58 2.92
CA ALA A 163 -8.10 0.61 1.50
C ALA A 163 -7.89 1.98 0.86
N PHE A 164 -8.20 3.04 1.57
CA PHE A 164 -8.05 4.36 1.00
C PHE A 164 -6.58 4.79 0.99
N PHE A 165 -5.83 4.46 2.06
CA PHE A 165 -4.41 4.79 2.13
C PHE A 165 -3.57 3.95 1.18
N THR A 166 -4.00 2.74 0.81
CA THR A 166 -3.34 1.99 -0.26
C THR A 166 -3.68 2.58 -1.61
N LEU A 167 -4.94 3.03 -1.81
CA LEU A 167 -5.31 3.60 -3.11
C LEU A 167 -4.66 4.97 -3.33
N ALA A 168 -4.41 5.73 -2.25
CA ALA A 168 -3.63 6.97 -2.37
C ALA A 168 -2.12 6.72 -2.45
N ARG A 169 -1.62 5.61 -1.88
CA ARG A 169 -0.22 5.24 -2.06
C ARG A 169 0.07 4.82 -3.49
N ASP A 170 -0.89 4.12 -4.12
CA ASP A 170 -0.75 3.71 -5.50
C ASP A 170 -0.89 4.91 -6.45
N ILE A 171 -1.61 5.96 -6.04
CA ILE A 171 -1.63 7.21 -6.80
C ILE A 171 -0.32 7.98 -6.64
N LYS A 172 0.18 8.10 -5.40
CA LYS A 172 1.34 8.95 -5.11
C LYS A 172 2.66 8.34 -5.58
N ALA A 173 2.75 7.01 -5.62
CA ALA A 173 3.91 6.36 -6.22
C ALA A 173 3.94 6.56 -7.74
N LYS A 174 2.76 6.68 -8.36
CA LYS A 174 2.65 6.87 -9.79
C LYS A 174 3.01 8.28 -10.22
N MET A 175 2.85 9.26 -9.32
CA MET A 175 3.45 10.59 -9.55
C MET A 175 4.96 10.55 -9.44
N ASP A 176 5.52 9.60 -8.70
CA ASP A 176 6.96 9.46 -8.59
C ASP A 176 7.50 8.30 -9.42
N LYS B 5 -0.40 -24.27 -4.92
CA LYS B 5 0.76 -23.42 -4.69
C LYS B 5 0.41 -22.00 -4.21
N THR B 6 1.29 -21.40 -3.42
CA THR B 6 1.02 -20.08 -2.88
C THR B 6 1.76 -18.97 -3.63
N TYR B 7 2.40 -19.28 -4.77
CA TYR B 7 3.12 -18.33 -5.63
C TYR B 7 3.42 -18.98 -6.96
N ASP B 8 3.68 -18.13 -7.95
CA ASP B 8 4.03 -18.58 -9.30
C ASP B 8 5.52 -18.60 -9.57
N TYR B 9 6.26 -17.55 -9.17
CA TYR B 9 7.70 -17.45 -9.41
C TYR B 9 8.41 -17.07 -8.12
N LEU B 10 9.66 -17.54 -8.00
CA LEU B 10 10.52 -17.26 -6.86
C LEU B 10 11.74 -16.52 -7.38
N PHE B 11 11.92 -15.26 -6.96
CA PHE B 11 12.99 -14.39 -7.43
C PHE B 11 13.92 -14.09 -6.26
N LYS B 12 15.23 -14.28 -6.49
CA LYS B 12 16.24 -14.06 -5.48
C LYS B 12 16.85 -12.66 -5.71
N LEU B 13 16.71 -11.78 -4.72
CA LEU B 13 17.21 -10.41 -4.78
C LEU B 13 18.29 -10.19 -3.73
N LEU B 14 19.09 -9.14 -3.93
CA LEU B 14 20.26 -8.91 -3.09
C LEU B 14 20.45 -7.40 -2.92
N LEU B 15 20.69 -6.94 -1.70
CA LEU B 15 20.95 -5.52 -1.41
C LEU B 15 22.42 -5.38 -1.06
N ILE B 16 23.15 -4.55 -1.82
CA ILE B 16 24.56 -4.31 -1.48
C ILE B 16 24.84 -2.80 -1.43
N GLY B 17 25.92 -2.47 -0.75
CA GLY B 17 26.30 -1.09 -0.49
C GLY B 17 27.07 -1.00 0.81
N ASP B 18 27.72 0.17 1.03
CA ASP B 18 28.45 0.46 2.27
C ASP B 18 27.54 0.38 3.52
N SER B 19 28.15 0.06 4.65
CA SER B 19 27.45 0.13 5.94
C SER B 19 26.92 1.53 6.22
N GLY B 20 25.64 1.62 6.57
CA GLY B 20 25.02 2.88 6.96
C GLY B 20 24.19 3.54 5.89
N VAL B 21 24.16 3.01 4.67
CA VAL B 21 23.42 3.66 3.59
C VAL B 21 21.90 3.42 3.66
N GLY B 22 21.47 2.44 4.44
CA GLY B 22 20.06 2.21 4.67
C GLY B 22 19.45 0.94 4.03
N LYS B 23 20.27 -0.10 3.78
CA LYS B 23 19.83 -1.34 3.11
C LYS B 23 18.76 -2.09 3.91
N THR B 24 19.00 -2.29 5.20
CA THR B 24 18.09 -2.96 6.11
C THR B 24 16.82 -2.15 6.31
N CYS B 25 16.95 -0.82 6.34
CA CYS B 25 15.79 0.05 6.45
C CYS B 25 14.94 0.06 5.19
N VAL B 26 15.57 0.04 4.00
CA VAL B 26 14.83 -0.10 2.73
C VAL B 26 14.06 -1.43 2.71
N LEU B 27 14.69 -2.52 3.15
CA LEU B 27 14.02 -3.84 3.21
C LEU B 27 12.91 -3.86 4.27
N PHE B 28 13.12 -3.21 5.40
CA PHE B 28 12.12 -3.20 6.46
CA PHE B 28 12.11 -3.21 6.45
C PHE B 28 10.89 -2.39 6.06
N ARG B 29 11.09 -1.30 5.30
CA ARG B 29 9.97 -0.55 4.74
C ARG B 29 9.22 -1.37 3.69
N PHE B 30 9.96 -2.07 2.82
CA PHE B 30 9.30 -2.88 1.79
C PHE B 30 8.55 -4.09 2.39
N SER B 31 9.13 -4.78 3.37
CA SER B 31 8.51 -6.00 3.86
C SER B 31 7.57 -5.78 5.05
N GLU B 32 7.78 -4.73 5.85
CA GLU B 32 6.96 -4.60 7.05
C GLU B 32 6.36 -3.21 7.26
N ASP B 33 6.48 -2.30 6.27
CA ASP B 33 5.92 -0.92 6.22
C ASP B 33 6.24 -0.11 7.47
N ALA B 34 7.50 -0.17 7.91
CA ALA B 34 7.85 0.58 9.10
C ALA B 34 9.29 1.07 8.99
N PHE B 35 9.64 1.98 9.88
CA PHE B 35 10.97 2.57 9.87
C PHE B 35 11.45 2.70 11.30
N ASN B 36 12.62 2.13 11.59
CA ASN B 36 13.30 2.33 12.85
CA ASN B 36 13.31 2.32 12.86
C ASN B 36 14.52 3.21 12.60
N SER B 37 14.78 4.11 13.55
CA SER B 37 15.80 5.13 13.36
C SER B 37 17.14 4.77 13.96
N THR B 38 17.16 3.86 14.95
CA THR B 38 18.39 3.34 15.54
C THR B 38 19.24 2.58 14.52
N PHE B 39 20.54 2.90 14.46
CA PHE B 39 21.43 2.12 13.60
C PHE B 39 21.72 0.77 14.27
N ILE B 40 21.18 -0.28 13.70
CA ILE B 40 21.52 -1.64 14.10
C ILE B 40 22.15 -2.29 12.88
N SER B 41 23.49 -2.35 12.88
CA SER B 41 24.29 -2.91 11.79
C SER B 41 24.01 -4.40 11.58
N THR B 42 23.88 -4.82 10.32
CA THR B 42 23.58 -6.23 10.01
C THR B 42 24.84 -7.06 10.28
N ILE B 43 24.64 -8.25 10.81
CA ILE B 43 25.74 -9.16 11.11
C ILE B 43 25.72 -10.28 10.08
N GLY B 44 26.76 -10.30 9.25
CA GLY B 44 26.93 -11.28 8.19
C GLY B 44 25.94 -11.14 7.07
N ILE B 45 24.79 -11.77 7.21
CA ILE B 45 23.82 -11.92 6.12
C ILE B 45 22.45 -12.21 6.73
N ASP B 46 21.40 -11.74 6.07
CA ASP B 46 20.02 -12.07 6.46
C ASP B 46 19.20 -12.07 5.18
N PHE B 47 17.98 -12.60 5.28
CA PHE B 47 16.99 -12.43 4.23
C PHE B 47 15.60 -12.24 4.85
N LYS B 48 14.73 -11.56 4.12
CA LYS B 48 13.30 -11.48 4.40
C LYS B 48 12.55 -11.79 3.11
N ILE B 49 11.24 -12.07 3.22
CA ILE B 49 10.41 -12.52 2.11
C ILE B 49 9.21 -11.59 1.97
N ARG B 50 8.93 -11.11 0.74
CA ARG B 50 7.62 -10.51 0.44
C ARG B 50 7.10 -11.06 -0.88
N THR B 51 5.87 -11.55 -0.86
CA THR B 51 5.20 -11.96 -2.08
C THR B 51 4.34 -10.83 -2.63
N ILE B 52 4.56 -10.51 -3.91
CA ILE B 52 3.85 -9.43 -4.58
C ILE B 52 3.00 -10.00 -5.70
N GLU B 53 2.13 -9.15 -6.21
CA GLU B 53 1.25 -9.46 -7.34
C GLU B 53 1.62 -8.54 -8.50
N LEU B 54 1.96 -9.15 -9.63
CA LEU B 54 2.45 -8.42 -10.80
C LEU B 54 1.93 -9.13 -12.04
N ASP B 55 1.02 -8.44 -12.76
CA ASP B 55 0.47 -8.84 -14.06
C ASP B 55 -0.23 -10.20 -13.99
N GLY B 56 -0.95 -10.42 -12.89
CA GLY B 56 -1.68 -11.66 -12.70
C GLY B 56 -0.88 -12.77 -12.08
N LYS B 57 0.39 -12.55 -11.81
CA LYS B 57 1.26 -13.57 -11.25
C LYS B 57 1.63 -13.23 -9.81
N ARG B 58 1.89 -14.27 -9.04
CA ARG B 58 2.30 -14.16 -7.65
C ARG B 58 3.79 -14.43 -7.58
N ILE B 59 4.57 -13.40 -7.24
CA ILE B 59 6.02 -13.50 -7.26
C ILE B 59 6.51 -13.41 -5.83
N LYS B 60 7.13 -14.49 -5.35
CA LYS B 60 7.75 -14.51 -4.04
C LYS B 60 9.17 -13.95 -4.16
N LEU B 61 9.44 -12.86 -3.46
CA LEU B 61 10.75 -12.21 -3.48
C LEU B 61 11.51 -12.60 -2.22
N GLN B 62 12.59 -13.33 -2.37
CA GLN B 62 13.50 -13.60 -1.27
C GLN B 62 14.65 -12.57 -1.39
N ILE B 63 14.68 -11.63 -0.46
CA ILE B 63 15.54 -10.44 -0.57
C ILE B 63 16.59 -10.58 0.49
N TRP B 64 17.83 -10.80 0.03
CA TRP B 64 18.97 -11.04 0.89
C TRP B 64 19.61 -9.69 1.25
N ASP B 65 19.86 -9.49 2.52
CA ASP B 65 20.32 -8.20 3.05
C ASP B 65 21.75 -8.38 3.54
N THR B 66 22.70 -7.74 2.86
CA THR B 66 24.11 -7.96 3.17
C THR B 66 24.61 -6.97 4.22
N ALA B 67 25.63 -7.38 4.94
CA ALA B 67 26.28 -6.50 5.90
C ALA B 67 27.34 -5.70 5.16
N GLY B 68 27.28 -4.38 5.26
CA GLY B 68 28.23 -3.54 4.52
C GLY B 68 29.59 -3.41 5.14
N GLN B 69 29.73 -3.73 6.43
CA GLN B 69 31.01 -3.65 7.14
C GLN B 69 32.02 -4.64 6.55
N GLU B 70 33.28 -4.22 6.56
CA GLU B 70 34.35 -4.78 5.77
C GLU B 70 34.69 -6.20 6.21
N ARG B 71 34.51 -6.51 7.50
CA ARG B 71 34.76 -7.83 8.07
C ARG B 71 33.78 -8.91 7.56
N PHE B 72 32.66 -8.52 6.95
CA PHE B 72 31.71 -9.47 6.41
C PHE B 72 31.77 -9.63 4.90
N ARG B 73 32.78 -9.05 4.20
CA ARG B 73 32.77 -9.00 2.72
C ARG B 73 32.94 -10.38 2.07
N THR B 74 33.62 -11.32 2.74
CA THR B 74 33.70 -12.66 2.18
C THR B 74 32.44 -13.48 2.40
N ILE B 75 31.72 -13.24 3.50
CA ILE B 75 30.44 -13.89 3.74
C ILE B 75 29.43 -13.44 2.69
N THR B 76 29.39 -12.14 2.43
CA THR B 76 28.44 -11.58 1.47
C THR B 76 28.77 -11.95 0.02
N THR B 77 30.06 -12.19 -0.32
CA THR B 77 30.50 -12.58 -1.67
C THR B 77 29.89 -13.91 -2.11
N ALA B 78 29.71 -14.84 -1.17
CA ALA B 78 29.09 -16.15 -1.40
C ALA B 78 27.59 -16.11 -1.77
N TYR B 79 26.92 -14.95 -1.72
CA TYR B 79 25.49 -14.88 -2.04
C TYR B 79 25.22 -14.18 -3.36
N TYR B 80 26.27 -13.86 -4.13
CA TYR B 80 26.10 -13.13 -5.39
C TYR B 80 25.60 -14.03 -6.51
N ARG B 81 26.09 -15.29 -6.53
CA ARG B 81 25.94 -16.23 -7.64
C ARG B 81 24.47 -16.59 -7.89
N GLY B 82 23.68 -16.70 -6.83
CA GLY B 82 22.28 -17.00 -7.02
C GLY B 82 21.34 -15.84 -7.29
N ALA B 83 21.80 -14.60 -7.17
CA ALA B 83 20.92 -13.43 -7.29
C ALA B 83 20.45 -13.22 -8.72
N MET B 84 19.19 -12.85 -8.86
CA MET B 84 18.64 -12.51 -10.18
C MET B 84 18.48 -11.02 -10.33
N GLY B 85 18.32 -10.32 -9.21
CA GLY B 85 18.33 -8.86 -9.18
C GLY B 85 19.17 -8.34 -8.04
N ILE B 86 19.91 -7.25 -8.23
CA ILE B 86 20.75 -6.71 -7.17
C ILE B 86 20.46 -5.21 -7.05
N MET B 87 20.12 -4.73 -5.83
CA MET B 87 20.08 -3.30 -5.54
C MET B 87 21.44 -2.87 -5.00
N LEU B 88 21.99 -1.82 -5.62
CA LEU B 88 23.22 -1.18 -5.19
C LEU B 88 22.80 0.13 -4.51
N VAL B 89 23.01 0.25 -3.21
CA VAL B 89 22.46 1.37 -2.45
C VAL B 89 23.61 2.29 -2.04
N TYR B 90 23.44 3.58 -2.25
CA TYR B 90 24.28 4.58 -1.56
C TYR B 90 23.36 5.52 -0.77
N ASP B 91 24.00 6.42 -0.05
CA ASP B 91 23.37 7.42 0.80
C ASP B 91 23.65 8.76 0.13
N ILE B 92 22.59 9.53 -0.20
CA ILE B 92 22.76 10.82 -0.85
C ILE B 92 23.41 11.88 0.05
N THR B 93 23.44 11.66 1.38
CA THR B 93 24.16 12.49 2.34
C THR B 93 25.61 12.08 2.55
N ASN B 94 26.10 11.08 1.81
CA ASN B 94 27.41 10.50 2.05
C ASN B 94 28.07 10.34 0.68
N GLU B 95 29.03 11.23 0.39
CA GLU B 95 29.71 11.21 -0.89
C GLU B 95 30.58 9.97 -1.08
N LYS B 96 31.20 9.47 0.01
CA LYS B 96 32.06 8.28 -0.06
C LYS B 96 31.29 7.00 -0.44
N SER B 97 30.04 6.87 0.02
CA SER B 97 29.23 5.70 -0.34
C SER B 97 28.75 5.76 -1.79
N PHE B 98 28.68 6.95 -2.37
CA PHE B 98 28.36 7.07 -3.78
C PHE B 98 29.57 6.73 -4.65
N ASP B 99 30.76 7.17 -4.20
CA ASP B 99 32.02 6.86 -4.86
C ASP B 99 32.28 5.36 -4.86
N ASN B 100 31.85 4.67 -3.80
CA ASN B 100 32.09 3.25 -3.64
C ASN B 100 31.18 2.36 -4.49
N ILE B 101 30.13 2.92 -5.11
CA ILE B 101 29.24 2.20 -6.05
C ILE B 101 30.02 1.62 -7.25
N ARG B 102 31.07 2.31 -7.70
CA ARG B 102 31.96 1.79 -8.74
C ARG B 102 32.69 0.51 -8.30
N ASN B 103 33.10 0.45 -7.02
CA ASN B 103 33.67 -0.79 -6.46
C ASN B 103 32.61 -1.87 -6.27
N TRP B 104 31.36 -1.46 -6.06
CA TRP B 104 30.32 -2.47 -5.89
C TRP B 104 29.90 -3.07 -7.24
N ILE B 105 29.94 -2.29 -8.33
CA ILE B 105 29.65 -2.79 -9.68
C ILE B 105 30.68 -3.85 -10.08
N ARG B 106 31.95 -3.62 -9.72
CA ARG B 106 33.03 -4.56 -10.02
C ARG B 106 32.90 -5.82 -9.17
N ASN B 107 32.43 -5.68 -7.93
CA ASN B 107 32.18 -6.82 -7.05
C ASN B 107 31.05 -7.69 -7.58
N ILE B 108 29.98 -7.09 -8.13
CA ILE B 108 28.91 -7.84 -8.79
C ILE B 108 29.43 -8.59 -10.00
N GLU B 109 30.10 -7.88 -10.89
CA GLU B 109 30.48 -8.43 -12.20
C GLU B 109 31.59 -9.46 -12.07
N GLU B 110 32.37 -9.44 -10.98
CA GLU B 110 33.32 -10.51 -10.73
C GLU B 110 32.68 -11.75 -10.09
N HIS B 111 31.50 -11.62 -9.44
CA HIS B 111 30.99 -12.77 -8.68
C HIS B 111 29.57 -13.21 -9.01
N ALA B 112 28.73 -12.34 -9.53
CA ALA B 112 27.36 -12.72 -9.83
C ALA B 112 27.30 -13.36 -11.22
N SER B 113 26.08 -13.70 -11.66
CA SER B 113 25.86 -14.05 -13.06
C SER B 113 26.06 -12.81 -13.92
N ALA B 114 26.44 -13.03 -15.18
CA ALA B 114 26.77 -11.92 -16.06
C ALA B 114 25.53 -11.13 -16.48
N ASP B 115 24.37 -11.78 -16.48
CA ASP B 115 23.11 -11.18 -16.88
C ASP B 115 22.21 -10.78 -15.68
N VAL B 116 22.80 -10.55 -14.50
CA VAL B 116 22.00 -10.17 -13.33
C VAL B 116 21.44 -8.76 -13.54
N GLU B 117 20.17 -8.58 -13.16
CA GLU B 117 19.52 -7.29 -13.27
C GLU B 117 20.00 -6.41 -12.13
N LYS B 118 20.30 -5.16 -12.43
CA LYS B 118 20.97 -4.28 -11.48
C LYS B 118 20.23 -2.96 -11.44
N MET B 119 20.10 -2.40 -10.24
CA MET B 119 19.45 -1.13 -10.02
C MET B 119 20.24 -0.38 -8.96
N ILE B 120 20.40 0.93 -9.14
CA ILE B 120 21.07 1.80 -8.18
C ILE B 120 20.00 2.58 -7.43
N LEU B 121 20.06 2.59 -6.09
CA LEU B 121 19.20 3.38 -5.23
C LEU B 121 20.02 4.45 -4.50
N GLY B 122 19.71 5.73 -4.73
CA GLY B 122 20.18 6.79 -3.85
C GLY B 122 19.29 6.98 -2.63
N ASN B 123 19.63 6.34 -1.50
CA ASN B 123 18.74 6.35 -0.35
C ASN B 123 18.96 7.63 0.48
N LYS B 124 18.00 7.93 1.38
CA LYS B 124 17.95 9.03 2.38
C LYS B 124 17.69 10.34 1.67
N CYS B 125 16.83 10.29 0.66
CA CYS B 125 16.51 11.44 -0.16
C CYS B 125 15.59 12.43 0.55
N ASP B 126 15.01 12.04 1.69
CA ASP B 126 14.33 12.98 2.59
C ASP B 126 15.28 13.93 3.33
N VAL B 127 16.59 13.64 3.41
CA VAL B 127 17.51 14.52 4.12
C VAL B 127 18.13 15.52 3.15
N ASN B 128 17.34 16.47 2.68
CA ASN B 128 17.83 17.45 1.68
C ASN B 128 18.82 18.45 2.28
N ASP B 129 18.76 18.68 3.59
CA ASP B 129 19.70 19.57 4.28
C ASP B 129 21.03 18.91 4.61
N LYS B 130 21.24 17.64 4.24
CA LYS B 130 22.56 17.05 4.38
C LYS B 130 23.03 16.42 3.08
N ARG B 131 22.42 16.78 1.95
CA ARG B 131 22.68 16.16 0.64
C ARG B 131 24.09 16.46 0.12
N GLN B 132 24.87 15.41 -0.13
CA GLN B 132 26.19 15.52 -0.67
C GLN B 132 26.30 15.09 -2.13
N VAL B 133 25.36 14.28 -2.62
CA VAL B 133 25.29 13.78 -4.01
C VAL B 133 24.02 14.33 -4.62
N SER B 134 24.14 15.15 -5.65
CA SER B 134 22.98 15.65 -6.37
C SER B 134 22.27 14.52 -7.12
N LYS B 135 20.95 14.67 -7.28
CA LYS B 135 20.13 13.73 -8.04
C LYS B 135 20.57 13.62 -9.49
N GLU B 136 21.08 14.72 -10.07
CA GLU B 136 21.69 14.68 -11.40
C GLU B 136 22.99 13.88 -11.43
N ARG B 137 23.79 13.91 -10.34
CA ARG B 137 25.04 13.14 -10.33
C ARG B 137 24.80 11.64 -10.23
N GLY B 138 23.77 11.22 -9.47
CA GLY B 138 23.44 9.81 -9.40
C GLY B 138 22.81 9.30 -10.69
N GLU B 139 21.97 10.11 -11.32
CA GLU B 139 21.33 9.77 -12.60
C GLU B 139 22.36 9.61 -13.71
N LYS B 140 23.40 10.47 -13.72
CA LYS B 140 24.46 10.42 -14.72
C LYS B 140 25.33 9.17 -14.57
N LEU B 141 25.58 8.74 -13.32
CA LEU B 141 26.34 7.52 -13.06
C LEU B 141 25.62 6.26 -13.55
N ALA B 142 24.31 6.15 -13.27
CA ALA B 142 23.57 4.97 -13.70
C ALA B 142 23.25 5.00 -15.20
N LEU B 143 23.19 6.20 -15.80
CA LEU B 143 23.13 6.31 -17.26
C LEU B 143 24.42 5.81 -17.88
N ASP B 144 25.56 6.11 -17.22
CA ASP B 144 26.87 5.67 -17.67
C ASP B 144 27.05 4.15 -17.56
N TYR B 145 26.36 3.49 -16.63
CA TYR B 145 26.42 2.04 -16.52
C TYR B 145 25.28 1.33 -17.27
N GLY B 146 24.29 2.06 -17.79
CA GLY B 146 23.14 1.45 -18.43
C GLY B 146 22.14 0.83 -17.49
N ILE B 147 22.11 1.30 -16.25
CA ILE B 147 21.37 0.70 -15.14
C ILE B 147 20.29 1.69 -14.73
N LYS B 148 19.14 1.19 -14.28
CA LYS B 148 18.08 2.05 -13.78
C LYS B 148 18.45 2.69 -12.43
N PHE B 149 17.91 3.89 -12.19
CA PHE B 149 18.21 4.72 -11.04
C PHE B 149 16.93 5.23 -10.40
N MET B 150 16.87 5.16 -9.08
CA MET B 150 15.84 5.85 -8.31
C MET B 150 16.48 6.47 -7.09
N GLU B 151 15.92 7.57 -6.63
CA GLU B 151 16.27 8.10 -5.32
C GLU B 151 15.20 7.64 -4.35
N THR B 152 15.62 7.08 -3.23
CA THR B 152 14.67 6.47 -2.33
C THR B 152 14.76 7.07 -0.94
N SER B 153 13.71 6.84 -0.15
CA SER B 153 13.73 7.10 1.28
C SER B 153 12.98 5.98 1.98
N ALA B 154 13.68 5.21 2.80
CA ALA B 154 13.00 4.26 3.70
C ALA B 154 12.17 4.97 4.77
N LYS B 155 12.61 6.15 5.21
CA LYS B 155 11.90 6.85 6.27
C LYS B 155 10.60 7.48 5.78
N ALA B 156 10.65 8.12 4.62
CA ALA B 156 9.49 8.83 4.09
C ALA B 156 8.66 8.00 3.11
N ASN B 157 9.01 6.71 2.91
CA ASN B 157 8.36 5.76 1.98
C ASN B 157 8.30 6.29 0.53
N ILE B 158 9.44 6.74 0.04
CA ILE B 158 9.58 7.28 -1.29
C ILE B 158 10.33 6.25 -2.12
N ASN B 159 9.68 5.76 -3.18
CA ASN B 159 10.20 4.91 -4.25
C ASN B 159 10.66 3.53 -3.80
N VAL B 160 10.32 3.09 -2.58
CA VAL B 160 10.74 1.78 -2.12
C VAL B 160 9.92 0.68 -2.83
N GLU B 161 8.60 0.87 -2.90
CA GLU B 161 7.71 -0.04 -3.62
C GLU B 161 7.99 -0.01 -5.12
N ASN B 162 8.26 1.18 -5.67
CA ASN B 162 8.54 1.32 -7.10
C ASN B 162 9.82 0.63 -7.51
N ALA B 163 10.85 0.63 -6.64
CA ALA B 163 12.14 0.03 -6.98
C ALA B 163 12.09 -1.48 -7.02
N PHE B 164 11.42 -2.09 -6.04
CA PHE B 164 11.36 -3.53 -5.98
C PHE B 164 10.43 -4.07 -7.06
N PHE B 165 9.35 -3.34 -7.37
CA PHE B 165 8.41 -3.76 -8.41
C PHE B 165 9.01 -3.61 -9.80
N THR B 166 9.84 -2.58 -10.01
CA THR B 166 10.45 -2.39 -11.33
C THR B 166 11.54 -3.43 -11.58
N LEU B 167 12.35 -3.73 -10.53
CA LEU B 167 13.36 -4.77 -10.61
C LEU B 167 12.76 -6.14 -10.87
N ALA B 168 11.62 -6.45 -10.20
CA ALA B 168 10.94 -7.73 -10.38
C ALA B 168 10.30 -7.86 -11.75
N ARG B 169 9.72 -6.75 -12.26
CA ARG B 169 9.15 -6.69 -13.61
C ARG B 169 10.22 -6.88 -14.69
N ASP B 170 11.44 -6.37 -14.43
CA ASP B 170 12.57 -6.55 -15.33
C ASP B 170 13.13 -7.97 -15.31
N ILE B 171 13.11 -8.65 -14.16
CA ILE B 171 13.51 -10.05 -14.08
C ILE B 171 12.52 -10.95 -14.80
N LYS B 172 11.21 -10.69 -14.61
CA LYS B 172 10.14 -11.51 -15.18
C LYS B 172 10.11 -11.41 -16.71
N ALA B 173 10.35 -10.21 -17.24
CA ALA B 173 10.30 -9.99 -18.69
C ALA B 173 11.50 -10.62 -19.40
N LYS B 174 12.63 -10.73 -18.70
CA LYS B 174 13.77 -11.48 -19.23
C LYS B 174 13.49 -12.97 -19.25
N MET B 175 12.74 -13.47 -18.26
CA MET B 175 12.41 -14.88 -18.21
C MET B 175 11.41 -15.30 -19.27
N ASP B 176 10.52 -14.38 -19.69
CA ASP B 176 9.46 -14.65 -20.66
C ASP B 176 9.97 -14.81 -22.10
N LYS B 177 11.24 -14.55 -22.37
CA LYS B 177 11.79 -14.86 -23.68
C LYS B 177 12.93 -15.89 -23.59
N VAL C 18 -18.02 33.70 12.57
CA VAL C 18 -17.06 34.77 12.25
C VAL C 18 -17.59 35.66 11.14
N VAL C 19 -18.92 35.82 11.09
CA VAL C 19 -19.56 36.68 10.11
C VAL C 19 -19.30 38.15 10.42
N GLY C 20 -19.24 38.50 11.71
CA GLY C 20 -18.86 39.85 12.12
C GLY C 20 -17.38 40.17 11.91
N GLU C 21 -16.54 39.14 11.75
CA GLU C 21 -15.14 39.37 11.39
C GLU C 21 -15.02 39.80 9.93
N LEU C 22 -15.76 39.14 9.02
CA LEU C 22 -15.64 39.35 7.59
C LEU C 22 -16.19 40.70 7.15
N ALA C 23 -17.20 41.21 7.85
CA ALA C 23 -17.66 42.57 7.59
C ALA C 23 -16.70 43.61 8.17
N ALA C 24 -15.99 43.27 9.25
CA ALA C 24 -14.99 44.18 9.82
C ALA C 24 -13.73 44.23 8.97
N LEU C 25 -13.36 43.11 8.35
CA LEU C 25 -12.20 43.09 7.47
C LEU C 25 -12.44 43.80 6.14
N GLU C 26 -13.70 43.95 5.72
CA GLU C 26 -13.98 44.70 4.49
C GLU C 26 -13.83 46.20 4.70
N ASN C 27 -14.12 46.68 5.91
CA ASN C 27 -13.86 48.08 6.26
C ASN C 27 -12.43 48.30 6.73
N GLU C 28 -11.77 47.25 7.24
CA GLU C 28 -10.34 47.31 7.52
C GLU C 28 -9.55 47.41 6.22
N GLN C 29 -10.01 46.69 5.17
CA GLN C 29 -9.46 46.82 3.83
C GLN C 29 -9.70 48.21 3.25
N LYS C 30 -10.86 48.82 3.56
CA LYS C 30 -11.15 50.18 3.14
C LYS C 30 -10.28 51.20 3.89
N GLN C 31 -9.89 50.89 5.13
CA GLN C 31 -8.94 51.73 5.84
C GLN C 31 -7.53 51.59 5.28
N ILE C 32 -7.19 50.40 4.77
CA ILE C 32 -5.83 50.15 4.29
C ILE C 32 -5.59 50.81 2.93
N ASP C 33 -6.48 50.61 1.96
CA ASP C 33 -6.17 51.11 0.62
C ASP C 33 -6.48 52.59 0.43
N THR C 34 -7.22 53.21 1.36
CA THR C 34 -7.35 54.67 1.35
C THR C 34 -6.17 55.33 2.05
N ARG C 35 -5.56 54.65 3.03
CA ARG C 35 -4.27 55.09 3.53
C ARG C 35 -3.18 54.84 2.50
N ALA C 36 -3.29 53.73 1.75
CA ALA C 36 -2.33 53.44 0.69
C ALA C 36 -2.49 54.37 -0.51
N ALA C 37 -3.71 54.85 -0.78
CA ALA C 37 -3.88 55.87 -1.81
C ALA C 37 -3.38 57.23 -1.35
N LEU C 38 -3.39 57.49 -0.04
CA LEU C 38 -2.82 58.72 0.53
C LEU C 38 -1.31 58.64 0.69
N VAL C 39 -0.69 57.50 0.37
CA VAL C 39 0.75 57.33 0.46
C VAL C 39 1.40 57.32 -0.92
N GLU C 40 0.74 56.70 -1.92
CA GLU C 40 1.35 56.48 -3.24
C GLU C 40 1.50 57.75 -4.06
N LYS C 41 0.58 58.72 -3.90
CA LYS C 41 0.76 59.99 -4.60
C LYS C 41 1.85 60.82 -3.96
N ARG C 42 2.03 60.69 -2.65
CA ARG C 42 3.12 61.36 -1.94
C ARG C 42 4.48 60.77 -2.33
N LEU C 43 4.56 59.44 -2.42
CA LEU C 43 5.83 58.76 -2.71
C LEU C 43 6.20 58.90 -4.18
N ARG C 44 5.21 59.09 -5.06
CA ARG C 44 5.48 59.44 -6.45
C ARG C 44 6.01 60.87 -6.56
N TYR C 45 5.40 61.80 -5.83
CA TYR C 45 5.79 63.21 -5.88
C TYR C 45 7.13 63.46 -5.19
N LEU C 46 7.46 62.68 -4.15
CA LEU C 46 8.75 62.83 -3.51
C LEU C 46 9.88 62.14 -4.27
N MET C 47 9.56 61.28 -5.24
CA MET C 47 10.54 60.65 -6.12
C MET C 47 10.73 61.40 -7.43
N ASP C 48 9.65 61.87 -8.05
CA ASP C 48 9.75 62.58 -9.33
C ASP C 48 10.36 63.98 -9.14
N THR C 49 9.95 64.70 -8.10
CA THR C 49 10.60 65.96 -7.79
C THR C 49 11.90 65.77 -7.01
N GLY C 50 12.05 64.66 -6.28
CA GLY C 50 13.24 64.37 -5.52
C GLY C 50 13.42 65.21 -4.27
N ARG C 51 12.36 65.34 -3.46
CA ARG C 51 12.32 66.36 -2.41
C ARG C 51 13.13 65.97 -1.16
N ASN C 52 12.63 65.02 -0.38
CA ASN C 52 13.24 64.65 0.89
C ASN C 52 13.57 63.17 0.86
N THR C 53 14.86 62.85 1.08
CA THR C 53 15.27 61.45 1.18
C THR C 53 14.97 60.84 2.54
N GLU C 54 14.65 61.66 3.54
CA GLU C 54 14.34 61.14 4.87
C GLU C 54 12.92 60.58 4.91
N GLU C 55 11.95 61.36 4.43
CA GLU C 55 10.58 60.89 4.32
C GLU C 55 10.35 59.99 3.10
N GLU C 56 11.33 59.81 2.23
CA GLU C 56 11.21 58.79 1.20
C GLU C 56 11.53 57.39 1.73
N GLU C 57 12.46 57.28 2.69
CA GLU C 57 12.70 56.02 3.36
C GLU C 57 11.53 55.64 4.26
N ALA C 58 10.89 56.63 4.87
CA ALA C 58 9.76 56.37 5.77
C ALA C 58 8.48 56.02 5.02
N MET C 59 8.29 56.56 3.81
CA MET C 59 7.11 56.27 3.02
C MET C 59 7.23 54.95 2.28
N MET C 60 8.45 54.50 1.97
CA MET C 60 8.61 53.24 1.25
C MET C 60 8.43 52.04 2.18
N GLN C 61 8.81 52.16 3.44
CA GLN C 61 8.61 51.04 4.36
C GLN C 61 7.17 50.95 4.86
N GLU C 62 6.41 52.05 4.79
CA GLU C 62 4.98 51.99 5.08
C GLU C 62 4.21 51.39 3.90
N TRP C 63 4.53 51.82 2.67
CA TRP C 63 3.84 51.34 1.47
C TRP C 63 4.13 49.88 1.18
N ALA C 64 5.34 49.41 1.52
CA ALA C 64 5.62 47.98 1.43
C ALA C 64 4.89 47.22 2.54
N MET C 65 4.69 47.84 3.69
CA MET C 65 3.89 47.20 4.75
C MET C 65 2.41 47.19 4.39
N LEU C 66 1.90 48.31 3.84
CA LEU C 66 0.48 48.44 3.53
C LEU C 66 0.05 47.59 2.34
N VAL C 67 0.98 47.25 1.44
CA VAL C 67 0.63 46.35 0.35
C VAL C 67 0.62 44.90 0.85
N ASN C 68 1.60 44.51 1.66
CA ASN C 68 1.64 43.18 2.26
C ASN C 68 0.58 42.98 3.33
N LYS C 69 0.09 44.04 3.96
CA LYS C 69 -1.07 43.92 4.85
C LYS C 69 -2.35 43.79 4.06
N LYS C 70 -2.42 44.38 2.87
CA LYS C 70 -3.58 44.23 2.00
C LYS C 70 -3.63 42.82 1.40
N ASN C 71 -2.47 42.24 1.10
CA ASN C 71 -2.42 40.90 0.51
C ASN C 71 -2.76 39.82 1.53
N ALA C 72 -2.36 40.02 2.78
CA ALA C 72 -2.72 39.06 3.83
C ALA C 72 -4.18 39.18 4.22
N LEU C 73 -4.78 40.37 4.04
CA LEU C 73 -6.19 40.57 4.36
C LEU C 73 -7.10 40.10 3.24
N ILE C 74 -6.61 40.09 2.00
CA ILE C 74 -7.41 39.61 0.88
C ILE C 74 -7.51 38.09 0.91
N ARG C 75 -6.37 37.41 1.12
CA ARG C 75 -6.34 35.95 1.10
C ARG C 75 -6.99 35.33 2.33
N ARG C 76 -7.05 36.05 3.45
CA ARG C 76 -7.89 35.58 4.55
C ARG C 76 -9.36 35.84 4.26
N MET C 77 -9.68 36.92 3.54
CA MET C 77 -11.06 37.14 3.12
C MET C 77 -11.48 36.18 2.02
N ASN C 78 -10.52 35.66 1.23
CA ASN C 78 -10.83 34.63 0.26
C ASN C 78 -11.19 33.31 0.93
N GLN C 79 -10.43 32.93 1.96
CA GLN C 79 -10.67 31.65 2.62
C GLN C 79 -11.87 31.69 3.57
N LEU C 80 -12.32 32.89 3.98
CA LEU C 80 -13.55 33.01 4.76
C LEU C 80 -14.78 33.02 3.86
N SER C 81 -14.66 33.61 2.67
CA SER C 81 -15.78 33.64 1.73
C SER C 81 -16.01 32.28 1.09
N LEU C 82 -14.95 31.52 0.84
CA LEU C 82 -15.11 30.18 0.28
C LEU C 82 -15.64 29.21 1.34
N LEU C 83 -15.28 29.42 2.61
CA LEU C 83 -15.81 28.57 3.68
C LEU C 83 -17.28 28.87 3.97
N GLU C 84 -17.68 30.14 3.83
CA GLU C 84 -19.08 30.53 4.01
C GLU C 84 -19.96 30.02 2.87
N LYS C 85 -19.42 29.94 1.66
CA LYS C 85 -20.17 29.38 0.54
C LYS C 85 -20.28 27.86 0.66
N GLU C 86 -19.21 27.22 1.16
CA GLU C 86 -19.17 25.77 1.38
C GLU C 86 -20.15 25.34 2.47
N HIS C 87 -20.32 26.17 3.51
CA HIS C 87 -21.26 25.85 4.58
C HIS C 87 -22.69 26.02 4.12
N ASP C 88 -22.94 26.99 3.24
CA ASP C 88 -24.28 27.28 2.75
C ASP C 88 -24.73 26.25 1.72
N LEU C 89 -23.80 25.79 0.88
CA LEU C 89 -24.13 24.78 -0.12
C LEU C 89 -24.32 23.41 0.52
N GLU C 90 -23.61 23.13 1.62
CA GLU C 90 -23.77 21.86 2.32
C GLU C 90 -25.11 21.79 3.04
N ARG C 91 -25.55 22.89 3.67
CA ARG C 91 -26.84 22.88 4.35
C ARG C 91 -28.00 22.92 3.37
N ARG C 92 -27.79 23.52 2.19
CA ARG C 92 -28.82 23.44 1.15
C ARG C 92 -28.87 22.05 0.54
N TYR C 93 -27.72 21.37 0.44
CA TYR C 93 -27.68 19.98 0.00
C TYR C 93 -28.36 19.07 1.00
N GLU C 94 -28.03 19.23 2.29
CA GLU C 94 -28.57 18.39 3.37
C GLU C 94 -30.07 18.56 3.54
N LEU C 95 -30.60 19.77 3.26
CA LEU C 95 -32.03 20.01 3.30
C LEU C 95 -32.74 19.37 2.10
N LEU C 96 -32.21 19.60 0.89
CA LEU C 96 -32.86 19.12 -0.34
C LEU C 96 -32.78 17.60 -0.47
N ASN C 97 -31.76 16.98 0.13
CA ASN C 97 -31.67 15.52 0.17
C ASN C 97 -32.72 14.92 1.11
N ARG C 98 -33.02 15.59 2.23
CA ARG C 98 -34.08 15.11 3.11
C ARG C 98 -35.47 15.33 2.54
N GLU C 99 -35.64 16.38 1.72
CA GLU C 99 -36.90 16.58 1.02
C GLU C 99 -37.09 15.55 -0.08
N LEU C 100 -36.01 15.17 -0.76
CA LEU C 100 -36.11 14.19 -1.83
C LEU C 100 -36.31 12.78 -1.29
N ARG C 101 -35.68 12.46 -0.14
CA ARG C 101 -35.85 11.17 0.52
C ARG C 101 -37.29 10.97 0.99
N ALA C 102 -37.95 12.05 1.43
CA ALA C 102 -39.35 11.98 1.78
C ALA C 102 -40.25 11.88 0.55
N MET C 103 -39.87 12.50 -0.56
CA MET C 103 -40.70 12.43 -1.77
C MET C 103 -40.58 11.08 -2.45
N LEU C 104 -39.37 10.52 -2.51
CA LEU C 104 -39.17 9.23 -3.19
C LEU C 104 -39.68 8.05 -2.38
N ALA C 105 -39.92 8.23 -1.07
CA ALA C 105 -40.55 7.21 -0.25
C ALA C 105 -42.06 7.13 -0.46
N ILE C 106 -42.67 8.19 -1.01
CA ILE C 106 -44.06 8.11 -1.46
C ILE C 106 -44.08 7.36 -2.79
N GLU C 107 -45.06 6.47 -2.95
CA GLU C 107 -45.22 5.64 -4.13
C GLU C 107 -45.51 6.46 -5.39
N ASP C 108 -45.31 5.81 -6.54
CA ASP C 108 -45.45 6.47 -7.85
C ASP C 108 -46.90 6.82 -8.17
N TRP C 109 -47.86 5.97 -7.77
CA TRP C 109 -49.24 6.20 -8.13
C TRP C 109 -49.93 7.25 -7.27
N GLN C 110 -49.38 7.57 -6.10
CA GLN C 110 -50.06 8.47 -5.17
C GLN C 110 -49.96 9.93 -5.57
N LYS C 111 -48.78 10.37 -6.03
CA LYS C 111 -48.60 11.76 -6.42
C LYS C 111 -49.17 12.02 -7.82
N THR C 112 -49.40 13.30 -8.12
CA THR C 112 -49.87 13.74 -9.43
C THR C 112 -48.72 13.75 -10.44
N GLU C 113 -49.04 14.01 -11.71
CA GLU C 113 -48.01 14.04 -12.74
C GLU C 113 -47.14 15.29 -12.66
N ALA C 114 -47.70 16.39 -12.14
CA ALA C 114 -46.91 17.58 -11.86
C ALA C 114 -45.98 17.38 -10.66
N GLN C 115 -46.40 16.60 -9.67
CA GLN C 115 -45.56 16.31 -8.52
C GLN C 115 -44.45 15.31 -8.82
N LYS C 116 -44.61 14.47 -9.86
CA LYS C 116 -43.51 13.61 -10.27
C LYS C 116 -42.44 14.40 -11.03
N ARG C 117 -42.87 15.39 -11.83
CA ARG C 117 -41.92 16.26 -12.52
C ARG C 117 -41.37 17.34 -11.59
N ARG C 118 -42.04 17.60 -10.47
CA ARG C 118 -41.45 18.47 -9.45
C ARG C 118 -40.28 17.77 -8.76
N GLU C 119 -40.41 16.47 -8.46
CA GLU C 119 -39.31 15.75 -7.82
C GLU C 119 -38.17 15.42 -8.79
N GLN C 120 -38.41 15.46 -10.11
CA GLN C 120 -37.31 15.36 -11.06
C GLN C 120 -36.47 16.63 -11.04
N LEU C 121 -37.13 17.79 -10.96
CA LEU C 121 -36.44 19.08 -10.87
C LEU C 121 -35.69 19.23 -9.55
N LEU C 122 -36.23 18.66 -8.47
CA LEU C 122 -35.51 18.56 -7.20
C LEU C 122 -34.26 17.69 -7.32
N LEU C 123 -34.32 16.63 -8.14
CA LEU C 123 -33.16 15.77 -8.36
C LEU C 123 -32.12 16.48 -9.22
N ASP C 124 -32.56 17.27 -10.21
CA ASP C 124 -31.62 18.04 -11.03
C ASP C 124 -30.97 19.17 -10.25
N GLU C 125 -31.72 19.77 -9.33
CA GLU C 125 -31.19 20.81 -8.44
C GLU C 125 -30.21 20.23 -7.43
N LEU C 126 -30.40 18.97 -7.05
CA LEU C 126 -29.48 18.31 -6.12
C LEU C 126 -28.14 18.00 -6.77
N VAL C 127 -28.15 17.53 -8.02
CA VAL C 127 -26.93 17.30 -8.80
C VAL C 127 -26.22 18.64 -9.10
N ALA C 128 -27.00 19.70 -9.29
CA ALA C 128 -26.48 21.06 -9.47
C ALA C 128 -25.76 21.57 -8.22
N LEU C 129 -26.24 21.21 -7.03
CA LEU C 129 -25.60 21.65 -5.80
C LEU C 129 -24.29 20.91 -5.54
N VAL C 130 -24.23 19.61 -5.92
CA VAL C 130 -23.01 18.83 -5.77
C VAL C 130 -21.94 19.33 -6.72
N ASN C 131 -22.35 19.70 -7.94
CA ASN C 131 -21.44 20.32 -8.90
C ASN C 131 -21.01 21.71 -8.47
N LYS C 132 -21.86 22.44 -7.73
CA LYS C 132 -21.45 23.72 -7.18
C LYS C 132 -20.43 23.55 -6.05
N ARG C 133 -20.65 22.53 -5.20
CA ARG C 133 -19.68 22.18 -4.16
C ARG C 133 -18.39 21.66 -4.75
N ASP C 134 -18.48 20.90 -5.86
CA ASP C 134 -17.31 20.45 -6.61
C ASP C 134 -16.55 21.62 -7.23
N ALA C 135 -17.27 22.68 -7.64
CA ALA C 135 -16.64 23.85 -8.23
C ALA C 135 -15.81 24.62 -7.22
N LEU C 136 -16.24 24.64 -5.95
CA LEU C 136 -15.46 25.24 -4.87
C LEU C 136 -14.17 24.47 -4.60
N VAL C 137 -14.20 23.15 -4.79
CA VAL C 137 -13.00 22.31 -4.69
C VAL C 137 -12.05 22.58 -5.84
N ARG C 138 -12.59 22.68 -7.07
CA ARG C 138 -11.81 23.01 -8.28
C ARG C 138 -11.21 24.41 -8.19
N ASP C 139 -11.95 25.38 -7.65
CA ASP C 139 -11.47 26.76 -7.51
C ASP C 139 -10.39 26.88 -6.44
N LEU C 140 -10.50 26.11 -5.36
CA LEU C 140 -9.47 26.11 -4.32
C LEU C 140 -8.21 25.38 -4.77
N ASP C 141 -8.35 24.45 -5.73
CA ASP C 141 -7.18 23.77 -6.27
C ASP C 141 -6.35 24.68 -7.18
N ALA C 142 -7.01 25.52 -8.00
CA ALA C 142 -6.29 26.46 -8.85
C ALA C 142 -5.73 27.64 -8.07
N GLN C 143 -6.27 27.92 -6.87
CA GLN C 143 -5.82 29.02 -6.04
C GLN C 143 -4.51 28.69 -5.31
N GLU C 144 -4.38 27.44 -4.85
CA GLU C 144 -3.21 27.04 -4.06
C GLU C 144 -1.96 26.85 -4.92
N LYS C 145 -2.12 26.40 -6.16
CA LYS C 145 -0.99 26.26 -7.07
C LYS C 145 -0.47 27.60 -7.59
N GLN C 146 -1.27 28.67 -7.51
CA GLN C 146 -0.79 30.02 -7.78
C GLN C 146 -0.21 30.70 -6.55
N ALA C 147 -0.60 30.25 -5.36
CA ALA C 147 -0.11 30.80 -4.08
C ALA C 147 1.14 30.08 -3.60
N VAL D 18 0.15 -26.75 16.00
CA VAL D 18 0.64 -26.69 17.38
C VAL D 18 1.23 -28.07 17.72
N VAL D 19 2.04 -28.13 18.79
CA VAL D 19 2.79 -29.34 19.12
C VAL D 19 1.87 -30.44 19.68
N GLY D 20 0.78 -30.07 20.36
CA GLY D 20 -0.22 -31.03 20.77
C GLY D 20 -1.02 -31.61 19.63
N GLU D 21 -1.14 -30.87 18.51
CA GLU D 21 -1.78 -31.39 17.32
C GLU D 21 -0.89 -32.41 16.60
N LEU D 22 0.42 -32.11 16.51
CA LEU D 22 1.37 -32.98 15.80
C LEU D 22 1.60 -34.29 16.53
N ALA D 23 1.51 -34.28 17.87
CA ALA D 23 1.52 -35.54 18.60
C ALA D 23 0.20 -36.28 18.47
N ALA D 24 -0.91 -35.55 18.25
CA ALA D 24 -2.21 -36.18 18.05
C ALA D 24 -2.33 -36.80 16.67
N LEU D 25 -1.62 -36.28 15.67
CA LEU D 25 -1.58 -36.96 14.39
C LEU D 25 -0.58 -38.10 14.36
N GLU D 26 0.40 -38.11 15.28
CA GLU D 26 1.40 -39.17 15.29
C GLU D 26 0.84 -40.49 15.84
N ASN D 27 -0.06 -40.40 16.82
CA ASN D 27 -0.73 -41.60 17.33
C ASN D 27 -1.96 -41.96 16.49
N GLU D 28 -2.50 -41.01 15.73
CA GLU D 28 -3.52 -41.33 14.74
C GLU D 28 -2.90 -42.03 13.54
N GLN D 29 -1.66 -41.68 13.18
CA GLN D 29 -0.91 -42.39 12.15
C GLN D 29 -0.58 -43.81 12.60
N LYS D 30 -0.22 -43.98 13.88
CA LYS D 30 0.07 -45.30 14.41
C LYS D 30 -1.20 -46.14 14.57
N GLN D 31 -2.36 -45.49 14.75
CA GLN D 31 -3.62 -46.22 14.82
C GLN D 31 -4.07 -46.72 13.44
N ILE D 32 -3.77 -45.97 12.39
CA ILE D 32 -4.23 -46.31 11.05
C ILE D 32 -3.42 -47.46 10.47
N ASP D 33 -2.08 -47.41 10.53
CA ASP D 33 -1.29 -48.43 9.85
C ASP D 33 -1.21 -49.76 10.60
N THR D 34 -1.60 -49.80 11.88
CA THR D 34 -1.78 -51.07 12.57
C THR D 34 -3.14 -51.70 12.23
N ARG D 35 -4.15 -50.87 12.03
CA ARG D 35 -5.40 -51.34 11.42
C ARG D 35 -5.17 -51.76 9.97
N ALA D 36 -4.30 -51.03 9.26
CA ALA D 36 -4.06 -51.34 7.85
C ALA D 36 -3.18 -52.56 7.67
N ALA D 37 -2.34 -52.90 8.66
CA ALA D 37 -1.66 -54.19 8.61
C ALA D 37 -2.63 -55.32 8.92
N LEU D 38 -3.57 -55.07 9.84
CA LEU D 38 -4.56 -56.06 10.22
C LEU D 38 -5.60 -56.28 9.12
N VAL D 39 -5.86 -55.26 8.32
CA VAL D 39 -6.71 -55.43 7.14
C VAL D 39 -5.95 -56.23 6.07
N GLU D 40 -4.65 -55.92 5.88
CA GLU D 40 -3.81 -56.59 4.89
C GLU D 40 -3.51 -58.06 5.25
N LYS D 41 -3.50 -58.37 6.56
CA LYS D 41 -3.42 -59.76 7.03
C LYS D 41 -4.67 -60.56 6.62
N ARG D 42 -5.84 -59.93 6.73
CA ARG D 42 -7.09 -60.58 6.35
C ARG D 42 -7.26 -60.64 4.83
N LEU D 43 -6.87 -59.58 4.13
CA LEU D 43 -7.20 -59.43 2.71
C LEU D 43 -6.27 -60.22 1.80
N ARG D 44 -5.02 -60.46 2.23
CA ARG D 44 -4.12 -61.29 1.43
C ARG D 44 -4.53 -62.77 1.51
N TYR D 45 -5.06 -63.19 2.67
CA TYR D 45 -5.56 -64.56 2.83
C TYR D 45 -6.89 -64.77 2.11
N LEU D 46 -7.72 -63.71 2.02
CA LEU D 46 -9.07 -63.85 1.45
C LEU D 46 -9.03 -64.00 -0.07
N MET D 47 -8.07 -63.34 -0.72
CA MET D 47 -7.97 -63.36 -2.17
C MET D 47 -7.40 -64.68 -2.69
N ASP D 48 -6.48 -65.29 -1.92
CA ASP D 48 -5.82 -66.52 -2.36
C ASP D 48 -6.72 -67.74 -2.23
N THR D 49 -7.53 -67.79 -1.17
CA THR D 49 -8.42 -68.90 -0.92
C THR D 49 -9.80 -68.73 -1.56
N GLY D 50 -10.12 -67.53 -2.04
CA GLY D 50 -11.39 -67.26 -2.72
C GLY D 50 -12.61 -67.33 -1.83
N ARG D 51 -12.45 -67.07 -0.53
CA ARG D 51 -13.39 -67.53 0.49
C ARG D 51 -14.56 -66.59 0.77
N ASN D 52 -14.38 -65.28 0.73
CA ASN D 52 -15.51 -64.41 1.02
C ASN D 52 -15.46 -63.22 0.08
N THR D 53 -16.25 -63.30 -1.00
CA THR D 53 -16.24 -62.30 -2.06
C THR D 53 -16.87 -61.00 -1.63
N GLU D 54 -17.79 -61.04 -0.66
CA GLU D 54 -18.32 -59.81 -0.10
C GLU D 54 -17.38 -59.18 0.90
N GLU D 55 -16.59 -60.00 1.59
CA GLU D 55 -15.66 -59.46 2.58
C GLU D 55 -14.33 -59.06 1.97
N GLU D 56 -13.89 -59.75 0.91
CA GLU D 56 -12.66 -59.32 0.22
C GLU D 56 -12.89 -58.04 -0.59
N GLU D 57 -14.14 -57.75 -0.97
CA GLU D 57 -14.48 -56.45 -1.54
C GLU D 57 -14.39 -55.34 -0.50
N ALA D 58 -14.94 -55.60 0.69
CA ALA D 58 -15.00 -54.58 1.75
C ALA D 58 -13.66 -54.35 2.41
N MET D 59 -12.82 -55.39 2.51
CA MET D 59 -11.45 -55.23 3.01
C MET D 59 -10.59 -54.44 2.04
N MET D 60 -10.86 -54.56 0.74
CA MET D 60 -10.10 -53.85 -0.26
C MET D 60 -10.49 -52.38 -0.32
N GLN D 61 -11.77 -52.07 -0.15
CA GLN D 61 -12.18 -50.67 -0.08
C GLN D 61 -11.80 -50.02 1.25
N GLU D 62 -11.62 -50.83 2.31
CA GLU D 62 -11.11 -50.26 3.54
C GLU D 62 -9.61 -49.98 3.47
N TRP D 63 -8.84 -50.87 2.82
CA TRP D 63 -7.39 -50.73 2.72
C TRP D 63 -7.00 -49.57 1.83
N ALA D 64 -7.79 -49.30 0.79
CA ALA D 64 -7.54 -48.16 -0.08
C ALA D 64 -7.84 -46.84 0.62
N MET D 65 -8.84 -46.85 1.51
CA MET D 65 -9.12 -45.69 2.35
C MET D 65 -8.00 -45.46 3.36
N LEU D 66 -7.46 -46.55 3.92
CA LEU D 66 -6.50 -46.44 5.00
C LEU D 66 -5.12 -45.98 4.51
N VAL D 67 -4.76 -46.27 3.26
CA VAL D 67 -3.49 -45.76 2.74
C VAL D 67 -3.64 -44.30 2.31
N ASN D 68 -4.81 -43.94 1.76
CA ASN D 68 -5.12 -42.55 1.44
C ASN D 68 -5.25 -41.67 2.69
N LYS D 69 -5.75 -42.23 3.79
CA LYS D 69 -5.74 -41.52 5.06
C LYS D 69 -4.34 -41.42 5.63
N LYS D 70 -3.48 -42.41 5.38
CA LYS D 70 -2.12 -42.37 5.90
C LYS D 70 -1.27 -41.38 5.10
N ASN D 71 -1.51 -41.26 3.80
CA ASN D 71 -0.79 -40.29 2.98
C ASN D 71 -1.26 -38.87 3.26
N ALA D 72 -2.55 -38.67 3.55
CA ALA D 72 -3.04 -37.34 3.87
C ALA D 72 -2.62 -36.90 5.27
N LEU D 73 -2.39 -37.85 6.16
CA LEU D 73 -1.92 -37.53 7.50
C LEU D 73 -0.44 -37.18 7.52
N ILE D 74 0.33 -37.76 6.60
CA ILE D 74 1.77 -37.53 6.56
C ILE D 74 2.06 -36.15 5.98
N ARG D 75 1.30 -35.73 4.96
CA ARG D 75 1.44 -34.41 4.35
C ARG D 75 1.02 -33.29 5.30
N ARG D 76 0.02 -33.52 6.15
CA ARG D 76 -0.31 -32.58 7.21
C ARG D 76 0.76 -32.57 8.29
N MET D 77 1.35 -33.74 8.58
CA MET D 77 2.47 -33.77 9.52
C MET D 77 3.74 -33.18 8.91
N ASN D 78 3.88 -33.20 7.58
CA ASN D 78 5.07 -32.60 6.98
C ASN D 78 4.97 -31.09 6.94
N GLN D 79 3.77 -30.55 6.74
CA GLN D 79 3.61 -29.10 6.74
C GLN D 79 3.56 -28.54 8.15
N LEU D 80 3.22 -29.35 9.15
CA LEU D 80 3.31 -28.88 10.53
C LEU D 80 4.73 -28.93 11.06
N SER D 81 5.51 -29.95 10.66
CA SER D 81 6.89 -30.06 11.11
C SER D 81 7.79 -29.03 10.45
N LEU D 82 7.53 -28.68 9.18
CA LEU D 82 8.28 -27.63 8.50
C LEU D 82 7.95 -26.26 9.07
N LEU D 83 6.73 -26.08 9.58
CA LEU D 83 6.34 -24.81 10.19
C LEU D 83 7.00 -24.62 11.55
N GLU D 84 7.11 -25.70 12.35
CA GLU D 84 7.73 -25.55 13.67
C GLU D 84 9.25 -25.52 13.60
N LYS D 85 9.84 -26.13 12.56
CA LYS D 85 11.27 -26.02 12.34
C LYS D 85 11.66 -24.62 11.88
N GLU D 86 10.76 -23.94 11.15
CA GLU D 86 11.01 -22.57 10.71
C GLU D 86 10.93 -21.59 11.86
N HIS D 87 9.99 -21.79 12.78
CA HIS D 87 9.88 -20.93 13.96
C HIS D 87 11.04 -21.16 14.92
N ASP D 88 11.56 -22.39 14.98
CA ASP D 88 12.68 -22.70 15.85
C ASP D 88 13.98 -22.09 15.35
N LEU D 89 14.22 -22.18 14.03
CA LEU D 89 15.41 -21.59 13.41
C LEU D 89 15.36 -20.07 13.49
N GLU D 90 14.17 -19.48 13.36
CA GLU D 90 14.05 -18.02 13.45
C GLU D 90 14.20 -17.53 14.88
N ARG D 91 13.82 -18.35 15.85
CA ARG D 91 14.03 -18.01 17.26
C ARG D 91 15.50 -18.09 17.63
N ARG D 92 16.19 -19.13 17.15
CA ARG D 92 17.62 -19.26 17.40
C ARG D 92 18.43 -18.25 16.61
N TYR D 93 17.94 -17.84 15.42
CA TYR D 93 18.58 -16.78 14.65
C TYR D 93 18.53 -15.46 15.40
N GLU D 94 17.34 -15.05 15.86
CA GLU D 94 17.16 -13.77 16.53
C GLU D 94 17.88 -13.72 17.88
N LEU D 95 17.96 -14.87 18.57
CA LEU D 95 18.72 -14.98 19.81
C LEU D 95 20.23 -14.83 19.59
N LEU D 96 20.78 -15.55 18.60
CA LEU D 96 22.22 -15.48 18.33
C LEU D 96 22.64 -14.13 17.73
N ASN D 97 21.71 -13.45 17.03
CA ASN D 97 21.97 -12.15 16.45
C ASN D 97 22.11 -11.07 17.53
N ARG D 98 21.27 -11.14 18.58
CA ARG D 98 21.37 -10.20 19.68
C ARG D 98 22.61 -10.44 20.52
N GLU D 99 23.05 -11.71 20.65
CA GLU D 99 24.27 -12.00 21.38
C GLU D 99 25.51 -11.54 20.64
N LEU D 100 25.51 -11.68 19.31
CA LEU D 100 26.64 -11.22 18.54
C LEU D 100 26.69 -9.70 18.44
N ARG D 101 25.52 -9.04 18.49
CA ARG D 101 25.45 -7.59 18.51
C ARG D 101 26.05 -7.05 19.80
N ALA D 102 25.74 -7.71 20.92
CA ALA D 102 26.28 -7.34 22.22
C ALA D 102 27.78 -7.62 22.33
N MET D 103 28.26 -8.72 21.72
CA MET D 103 29.69 -9.04 21.72
C MET D 103 30.49 -8.09 20.84
N LEU D 104 29.98 -7.79 19.65
CA LEU D 104 30.74 -6.96 18.73
C LEU D 104 30.65 -5.47 19.02
N ALA D 105 29.84 -5.05 20.00
CA ALA D 105 29.86 -3.68 20.49
C ALA D 105 30.94 -3.47 21.54
N ILE D 106 31.51 -4.54 22.07
CA ILE D 106 32.70 -4.48 22.90
C ILE D 106 33.91 -4.66 22.00
N GLU D 107 34.87 -3.74 22.11
CA GLU D 107 36.06 -3.72 21.25
C GLU D 107 37.02 -4.86 21.61
N ASP D 108 38.02 -5.05 20.74
CA ASP D 108 38.91 -6.20 20.80
C ASP D 108 39.98 -6.11 21.89
N TRP D 109 40.16 -4.97 22.55
CA TRP D 109 41.07 -4.94 23.70
C TRP D 109 40.38 -5.24 25.00
N GLN D 110 39.05 -5.21 25.04
CA GLN D 110 38.31 -5.51 26.27
C GLN D 110 37.94 -6.99 26.37
N LYS D 111 37.73 -7.68 25.26
CA LYS D 111 37.50 -9.11 25.30
C LYS D 111 38.82 -9.86 25.20
N THR D 112 38.78 -11.15 25.50
CA THR D 112 39.99 -11.96 25.59
C THR D 112 40.52 -12.33 24.20
N GLU D 113 41.70 -12.97 24.20
CA GLU D 113 42.25 -13.53 22.98
C GLU D 113 41.41 -14.72 22.51
N ALA D 114 41.04 -15.60 23.44
CA ALA D 114 40.18 -16.75 23.10
C ALA D 114 38.73 -16.35 22.90
N GLN D 115 38.33 -15.16 23.36
CA GLN D 115 36.96 -14.69 23.13
C GLN D 115 36.75 -14.26 21.69
N LYS D 116 37.81 -13.77 21.03
CA LYS D 116 37.71 -13.36 19.63
C LYS D 116 37.55 -14.57 18.70
N ARG D 117 38.12 -15.71 19.08
CA ARG D 117 37.88 -16.94 18.33
C ARG D 117 36.55 -17.59 18.69
N ARG D 118 36.02 -17.33 19.90
CA ARG D 118 34.69 -17.80 20.27
C ARG D 118 33.59 -17.06 19.51
N GLU D 119 33.74 -15.73 19.35
CA GLU D 119 32.78 -14.97 18.57
C GLU D 119 32.95 -15.17 17.06
N GLN D 120 34.09 -15.72 16.62
CA GLN D 120 34.22 -16.13 15.22
C GLN D 120 33.39 -17.37 14.92
N LEU D 121 33.38 -18.34 15.84
CA LEU D 121 32.60 -19.56 15.66
C LEU D 121 31.10 -19.28 15.78
N LEU D 122 30.73 -18.30 16.60
CA LEU D 122 29.35 -17.87 16.70
C LEU D 122 28.88 -17.16 15.44
N LEU D 123 29.79 -16.44 14.77
CA LEU D 123 29.47 -15.83 13.49
C LEU D 123 29.26 -16.90 12.42
N ASP D 124 30.02 -17.99 12.50
CA ASP D 124 29.86 -19.12 11.57
C ASP D 124 28.55 -19.87 11.84
N GLU D 125 28.13 -19.95 13.10
CA GLU D 125 26.86 -20.59 13.43
C GLU D 125 25.67 -19.71 13.04
N LEU D 126 25.87 -18.37 13.03
CA LEU D 126 24.82 -17.47 12.58
C LEU D 126 24.55 -17.60 11.09
N VAL D 127 25.62 -17.76 10.29
CA VAL D 127 25.50 -17.91 8.84
C VAL D 127 24.89 -19.28 8.50
N ALA D 128 25.25 -20.32 9.26
CA ALA D 128 24.68 -21.66 9.11
C ALA D 128 23.18 -21.69 9.42
N LEU D 129 22.74 -20.84 10.37
CA LEU D 129 21.31 -20.69 10.65
C LEU D 129 20.56 -20.02 9.50
N VAL D 130 21.17 -19.01 8.85
CA VAL D 130 20.54 -18.37 7.69
C VAL D 130 20.45 -19.35 6.52
N ASN D 131 21.43 -20.23 6.37
CA ASN D 131 21.42 -21.21 5.29
C ASN D 131 20.41 -22.33 5.55
N LYS D 132 20.19 -22.70 6.82
CA LYS D 132 19.14 -23.66 7.16
C LYS D 132 17.76 -23.06 6.95
N ARG D 133 17.61 -21.76 7.23
CA ARG D 133 16.38 -21.03 6.92
C ARG D 133 16.14 -20.93 5.42
N ASP D 134 17.21 -20.67 4.64
CA ASP D 134 17.12 -20.65 3.18
C ASP D 134 16.81 -22.03 2.60
N ALA D 135 17.28 -23.10 3.27
CA ALA D 135 17.02 -24.48 2.84
C ALA D 135 15.55 -24.83 2.96
N LEU D 136 14.84 -24.27 3.95
CA LEU D 136 13.41 -24.47 4.09
C LEU D 136 12.62 -23.75 3.00
N VAL D 137 13.15 -22.64 2.47
CA VAL D 137 12.54 -21.96 1.32
C VAL D 137 12.71 -22.79 0.05
N ARG D 138 13.92 -23.34 -0.15
CA ARG D 138 14.17 -24.27 -1.25
C ARG D 138 13.33 -25.53 -1.14
N ASP D 139 13.12 -26.02 0.09
CA ASP D 139 12.29 -27.22 0.28
C ASP D 139 10.80 -26.93 0.14
N LEU D 140 10.34 -25.74 0.55
CA LEU D 140 8.95 -25.33 0.30
C LEU D 140 8.68 -25.07 -1.17
N ASP D 141 9.71 -24.78 -1.96
CA ASP D 141 9.58 -24.72 -3.41
C ASP D 141 9.28 -26.11 -3.98
N ALA D 142 10.12 -27.10 -3.66
CA ALA D 142 9.95 -28.45 -4.22
C ALA D 142 8.77 -29.20 -3.60
N GLN D 143 8.32 -28.79 -2.40
CA GLN D 143 7.12 -29.39 -1.81
C GLN D 143 5.85 -28.90 -2.50
N GLU D 144 5.81 -27.63 -2.88
CA GLU D 144 4.67 -27.10 -3.63
C GLU D 144 4.69 -27.58 -5.08
N LYS D 145 5.90 -27.69 -5.65
CA LYS D 145 6.04 -28.26 -7.00
C LYS D 145 5.79 -29.77 -7.03
N GLN D 146 5.86 -30.46 -5.88
CA GLN D 146 5.41 -31.85 -5.83
C GLN D 146 3.92 -31.98 -5.54
N ALA D 147 3.30 -30.97 -4.92
CA ALA D 147 1.87 -31.05 -4.61
C ALA D 147 1.02 -30.84 -5.86
N GLU D 148 1.49 -30.03 -6.81
CA GLU D 148 0.73 -29.81 -8.03
C GLU D 148 0.87 -30.97 -9.02
N GLU D 149 1.96 -31.73 -8.94
CA GLU D 149 2.16 -32.86 -9.84
C GLU D 149 1.31 -34.06 -9.42
PG GNP E . -26.78 2.78 -2.19
O1G GNP E . -28.24 2.58 -2.46
O2G GNP E . -25.99 2.53 -3.47
O3G GNP E . -26.57 4.23 -1.75
N3B GNP E . -26.27 1.83 -0.89
PB GNP E . -24.75 1.66 -0.35
O1B GNP E . -23.86 0.83 -1.23
O2B GNP E . -24.15 3.00 -0.06
O3A GNP E . -24.78 0.87 1.06
PA GNP E . -24.95 1.56 2.48
O1A GNP E . -23.59 2.12 2.88
O2A GNP E . -26.13 2.40 2.41
O5' GNP E . -25.12 0.32 3.38
C5' GNP E . -26.18 -0.65 3.16
C4' GNP E . -26.54 -1.40 4.42
O4' GNP E . -25.51 -2.35 4.75
C3' GNP E . -26.77 -0.56 5.69
O3' GNP E . -27.86 -1.03 6.46
C2' GNP E . -25.48 -0.75 6.49
O2' GNP E . -25.65 -0.56 7.88
C1' GNP E . -25.05 -2.16 6.08
N9 GNP E . -23.59 -2.32 6.07
C8 GNP E . -22.71 -1.53 5.37
N7 GNP E . -21.46 -1.89 5.55
C5 GNP E . -21.52 -2.94 6.43
C6 GNP E . -20.49 -3.77 7.03
O6 GNP E . -19.31 -3.69 6.84
N1 GNP E . -21.01 -4.75 7.86
C2 GNP E . -22.34 -4.92 8.13
N2 GNP E . -22.65 -5.88 8.99
N3 GNP E . -23.30 -4.17 7.59
C4 GNP E . -22.83 -3.22 6.78
MG MG F . -24.96 4.85 -0.54
PG GNP G . 24.89 -2.19 7.41
O1G GNP G . 24.02 -3.32 7.89
O2G GNP G . 25.96 -2.00 8.51
O3G GNP G . 25.43 -2.59 6.04
N3B GNP G . 23.91 -0.81 7.38
PB GNP G . 22.61 -0.57 6.41
O1B GNP G . 23.04 -0.22 5.01
O2B GNP G . 21.68 -1.75 6.48
O3A GNP G . 21.90 0.73 7.03
PA GNP G . 20.70 0.72 8.10
O1A GNP G . 19.42 0.39 7.34
O2A GNP G . 21.16 -0.07 9.21
O5' GNP G . 20.53 2.26 8.27
C5' GNP G . 21.62 3.09 8.74
C4' GNP G . 21.09 4.34 9.44
O4' GNP G . 20.51 5.22 8.46
C3' GNP G . 20.04 4.16 10.54
O3' GNP G . 20.22 5.11 11.58
C2' GNP G . 18.72 4.49 9.82
O2' GNP G . 17.69 4.99 10.65
C1' GNP G . 19.17 5.55 8.81
N9 GNP G . 18.37 5.57 7.57
C8 GNP G . 18.20 4.50 6.70
N7 GNP G . 17.41 4.80 5.68
C5 GNP G . 17.07 6.12 5.90
C6 GNP G . 16.26 7.03 5.12
O6 GNP G . 15.69 6.75 4.06
N1 GNP G . 16.17 8.28 5.70
C2 GNP G . 16.77 8.64 6.87
N2 GNP G . 16.58 9.91 7.27
N3 GNP G . 17.52 7.82 7.60
C4 GNP G . 17.64 6.60 7.06
MG MG H . 21.86 -3.55 7.52
#